data_6LRZ
#
_entry.id   6LRZ
#
_cell.length_a   104.079
_cell.length_b   104.079
_cell.length_c   56.666
_cell.angle_alpha   90.000
_cell.angle_beta   90.000
_cell.angle_gamma   120.000
#
_symmetry.space_group_name_H-M   'P 61'
#
loop_
_entity.id
_entity.type
_entity.pdbx_description
1 polymer Keap1-DC
2 non-polymer 'dimethyl (~{E})-but-2-enedioate'
3 non-polymer 'ACETATE ION'
4 non-polymer 1-METHOXY-2-[2-(2-METHOXY-ETHOXY]-ETHANE
5 non-polymer 'SULFATE ION'
6 water water
#
_entity_poly.entity_id   1
_entity_poly.type   'polypeptide(L)'
_entity_poly.pdbx_seq_one_letter_code
;MGSSHHHHHHSSGLVPRGSHMVGRLIYTAGGYFRQSLSYLEAYNPSNGSWLRLADLQVPRSGLAGCVVGGLLYAVGGRNN
SPDGNTDSSALDCYNPMTNQWSPCASMSVPRNRIGVGVIDGHIYAVGGSHGCIHHSSVERYEPERDEWHLVAPMLTRRIG
VGVAVLNRLLYAVGGFDGTNRLNSAECYYPERNEWRMITPMNTIRSGAGVCVLHNCIYAAGGYDGQDQLNSVERYDVETE
TWTFVAPMRHHRSALGITVHQGKIYVLGGYDGHTFLDSVECYDPDSDTWSEVTRMTSGRSGVGVAVTMEPCRKQ
;
_entity_poly.pdbx_strand_id   A
#
loop_
_chem_comp.id
_chem_comp.type
_chem_comp.name
_chem_comp.formula
ACT non-polymer 'ACETATE ION' 'C2 H3 O2 -1'
EOU non-polymer 'dimethyl (~{E})-but-2-enedioate' 'C6 H8 O4'
PG5 non-polymer 1-METHOXY-2-[2-(2-METHOXY-ETHOXY]-ETHANE 'C8 H18 O4'
SO4 non-polymer 'SULFATE ION' 'O4 S -2'
#
# COMPACT_ATOMS: atom_id res chain seq x y z
N ARG A 17 -17.03 14.67 -3.77
CA ARG A 17 -16.17 14.22 -4.86
C ARG A 17 -16.82 13.08 -5.63
N GLY A 18 -17.30 13.40 -6.82
CA GLY A 18 -17.83 12.43 -7.77
C GLY A 18 -16.96 12.47 -9.01
N SER A 19 -16.43 11.31 -9.41
CA SER A 19 -15.58 11.21 -10.59
C SER A 19 -16.46 11.14 -11.83
N HIS A 20 -16.25 12.09 -12.75
CA HIS A 20 -17.13 12.27 -13.90
C HIS A 20 -18.57 12.47 -13.43
N MET A 21 -19.34 11.36 -13.34
CA MET A 21 -20.73 11.42 -12.94
C MET A 21 -21.11 10.28 -11.98
N VAL A 22 -20.14 9.69 -11.29
CA VAL A 22 -20.39 8.53 -10.44
C VAL A 22 -19.54 8.64 -9.17
N GLY A 23 -19.83 7.77 -8.21
CA GLY A 23 -19.10 7.78 -6.96
C GLY A 23 -17.75 7.10 -7.05
N ARG A 24 -17.00 7.23 -5.96
CA ARG A 24 -15.68 6.61 -5.84
C ARG A 24 -15.75 5.46 -4.85
N LEU A 25 -15.12 4.35 -5.22
CA LEU A 25 -15.11 3.12 -4.43
C LEU A 25 -13.70 2.83 -3.93
N ILE A 26 -13.64 2.06 -2.85
CA ILE A 26 -12.38 1.55 -2.32
C ILE A 26 -12.17 0.15 -2.88
N TYR A 27 -11.15 0.00 -3.73
CA TYR A 27 -10.83 -1.27 -4.36
C TYR A 27 -9.75 -2.01 -3.57
N THR A 28 -9.99 -3.29 -3.28
CA THR A 28 -8.98 -4.17 -2.69
C THR A 28 -8.66 -5.27 -3.69
N ALA A 29 -7.37 -5.44 -3.98
CA ALA A 29 -6.91 -6.41 -4.97
C ALA A 29 -5.96 -7.39 -4.33
N GLY A 30 -6.17 -8.68 -4.62
CA GLY A 30 -5.24 -9.70 -4.15
C GLY A 30 -5.32 -9.94 -2.66
N GLY A 31 -4.21 -10.39 -2.10
CA GLY A 31 -4.11 -10.69 -0.69
C GLY A 31 -3.73 -12.13 -0.43
N TYR A 32 -3.82 -12.53 0.83
CA TYR A 32 -3.38 -13.83 1.30
C TYR A 32 -4.34 -14.39 2.34
N PHE A 33 -4.80 -15.63 2.09
CA PHE A 33 -5.42 -16.46 3.12
C PHE A 33 -5.21 -17.90 2.70
N ARG A 34 -4.35 -18.61 3.43
CA ARG A 34 -3.89 -19.95 3.09
C ARG A 34 -2.99 -19.95 1.86
N GLN A 35 -3.33 -19.14 0.85
CA GLN A 35 -2.54 -18.97 -0.36
C GLN A 35 -2.83 -17.58 -0.91
N SER A 36 -2.05 -17.17 -1.91
CA SER A 36 -2.26 -15.86 -2.50
C SER A 36 -3.58 -15.86 -3.27
N LEU A 37 -4.23 -14.70 -3.32
CA LEU A 37 -5.60 -14.54 -3.77
C LEU A 37 -5.67 -13.69 -5.04
N SER A 38 -6.71 -13.92 -5.83
N SER A 38 -6.72 -13.93 -5.84
CA SER A 38 -6.92 -13.17 -7.06
CA SER A 38 -6.94 -13.18 -7.06
C SER A 38 -8.12 -12.21 -6.96
C SER A 38 -8.11 -12.21 -6.96
N TYR A 39 -8.71 -12.06 -5.78
CA TYR A 39 -9.93 -11.27 -5.67
C TYR A 39 -9.70 -9.81 -6.02
N LEU A 40 -10.67 -9.23 -6.72
CA LEU A 40 -10.82 -7.79 -6.82
C LEU A 40 -12.23 -7.45 -6.36
N GLU A 41 -12.33 -6.70 -5.25
CA GLU A 41 -13.63 -6.31 -4.71
C GLU A 41 -13.61 -4.82 -4.42
N ALA A 42 -14.79 -4.20 -4.52
CA ALA A 42 -14.90 -2.75 -4.36
C ALA A 42 -15.97 -2.43 -3.32
N TYR A 43 -15.62 -1.57 -2.37
CA TYR A 43 -16.50 -1.15 -1.30
C TYR A 43 -16.96 0.29 -1.53
N ASN A 44 -18.25 0.53 -1.31
CA ASN A 44 -18.82 1.86 -1.48
C ASN A 44 -19.14 2.47 -0.12
N PRO A 45 -18.36 3.44 0.36
CA PRO A 45 -18.71 4.07 1.65
C PRO A 45 -20.06 4.76 1.65
N SER A 46 -20.58 5.15 0.49
CA SER A 46 -21.85 5.89 0.46
C SER A 46 -23.04 5.00 0.81
N ASN A 47 -22.96 3.68 0.55
CA ASN A 47 -24.09 2.82 0.83
C ASN A 47 -23.76 1.48 1.47
N GLY A 48 -22.50 1.19 1.78
CA GLY A 48 -22.13 -0.02 2.48
C GLY A 48 -21.96 -1.26 1.63
N SER A 49 -22.10 -1.15 0.31
CA SER A 49 -22.12 -2.33 -0.55
C SER A 49 -20.73 -2.77 -0.96
N TRP A 50 -20.59 -4.07 -1.19
CA TRP A 50 -19.41 -4.68 -1.79
C TRP A 50 -19.77 -5.25 -3.16
N LEU A 51 -18.88 -5.10 -4.12
CA LEU A 51 -19.03 -5.69 -5.44
C LEU A 51 -17.81 -6.56 -5.75
N ARG A 52 -18.05 -7.77 -6.23
CA ARG A 52 -16.95 -8.59 -6.73
C ARG A 52 -16.75 -8.31 -8.21
N LEU A 53 -15.52 -7.99 -8.59
CA LEU A 53 -15.19 -7.65 -9.96
C LEU A 53 -14.22 -8.70 -10.54
N ALA A 54 -13.68 -8.38 -11.72
CA ALA A 54 -12.84 -9.32 -12.45
C ALA A 54 -11.60 -9.71 -11.65
N ASP A 55 -11.38 -11.01 -11.51
CA ASP A 55 -10.19 -11.55 -10.85
C ASP A 55 -8.91 -11.06 -11.52
N LEU A 56 -7.88 -10.86 -10.71
CA LEU A 56 -6.51 -10.76 -11.24
C LEU A 56 -6.20 -11.98 -12.09
N GLN A 57 -5.38 -11.78 -13.12
CA GLN A 57 -4.97 -12.90 -13.97
C GLN A 57 -4.04 -13.87 -13.22
N VAL A 58 -3.26 -13.37 -12.28
CA VAL A 58 -2.35 -14.15 -11.46
C VAL A 58 -2.60 -13.83 -9.98
N PRO A 59 -2.83 -14.82 -9.11
CA PRO A 59 -3.02 -14.51 -7.68
C PRO A 59 -1.78 -13.84 -7.13
N ARG A 60 -1.97 -12.90 -6.19
CA ARG A 60 -0.80 -12.24 -5.62
C ARG A 60 -1.12 -11.63 -4.26
N SER A 61 -0.16 -11.79 -3.37
CA SER A 61 -0.15 -11.15 -2.05
C SER A 61 1.08 -10.24 -1.98
N GLY A 62 1.08 -9.32 -1.01
CA GLY A 62 2.23 -8.45 -0.87
C GLY A 62 2.43 -7.48 -2.01
N LEU A 63 1.37 -7.21 -2.78
CA LEU A 63 1.37 -6.23 -3.86
C LEU A 63 0.96 -4.86 -3.32
N ALA A 64 1.04 -3.87 -4.20
CA ALA A 64 0.51 -2.55 -3.91
C ALA A 64 -0.43 -2.12 -5.01
N GLY A 65 -1.41 -1.30 -4.65
CA GLY A 65 -2.34 -0.72 -5.59
C GLY A 65 -2.14 0.79 -5.68
N CYS A 66 -2.47 1.35 -6.84
CA CYS A 66 -2.53 2.79 -7.02
C CYS A 66 -3.41 3.10 -8.21
N VAL A 67 -3.74 4.38 -8.37
CA VAL A 67 -4.59 4.83 -9.46
C VAL A 67 -3.92 5.97 -10.20
N VAL A 68 -3.93 5.90 -11.53
CA VAL A 68 -3.47 6.98 -12.41
C VAL A 68 -4.47 7.11 -13.55
N GLY A 69 -4.99 8.31 -13.75
CA GLY A 69 -5.91 8.55 -14.85
C GLY A 69 -7.18 7.73 -14.78
N GLY A 70 -7.68 7.50 -13.56
CA GLY A 70 -8.85 6.67 -13.36
C GLY A 70 -8.62 5.18 -13.41
N LEU A 71 -7.44 4.72 -13.80
CA LEU A 71 -7.17 3.30 -13.93
C LEU A 71 -6.47 2.78 -12.69
N LEU A 72 -6.81 1.55 -12.31
CA LEU A 72 -6.26 0.90 -11.12
C LEU A 72 -5.08 0.03 -11.52
N TYR A 73 -3.96 0.18 -10.82
CA TYR A 73 -2.77 -0.61 -11.10
C TYR A 73 -2.42 -1.51 -9.93
N ALA A 74 -2.07 -2.76 -10.25
CA ALA A 74 -1.61 -3.75 -9.28
C ALA A 74 -0.13 -4.00 -9.56
N VAL A 75 0.72 -3.80 -8.55
CA VAL A 75 2.17 -3.74 -8.74
C VAL A 75 2.86 -4.77 -7.85
N GLY A 76 3.70 -5.62 -8.44
CA GLY A 76 4.52 -6.47 -7.60
C GLY A 76 3.74 -7.54 -6.83
N GLY A 77 4.36 -7.99 -5.75
CA GLY A 77 3.79 -9.05 -4.93
C GLY A 77 4.48 -10.40 -5.13
N ARG A 78 3.70 -11.44 -4.82
CA ARG A 78 4.20 -12.82 -4.90
C ARG A 78 2.99 -13.74 -4.98
N ASN A 79 3.12 -14.77 -5.80
CA ASN A 79 2.10 -15.81 -5.85
C ASN A 79 2.57 -16.94 -4.95
N ASN A 80 2.10 -16.94 -3.71
N ASN A 80 2.00 -17.03 -3.76
CA ASN A 80 2.23 -18.08 -2.81
CA ASN A 80 2.28 -18.09 -2.79
C ASN A 80 1.11 -19.05 -3.15
C ASN A 80 1.19 -19.14 -2.94
N SER A 81 1.47 -20.22 -3.67
CA SER A 81 0.49 -21.20 -4.07
C SER A 81 1.01 -22.60 -3.79
N PRO A 82 0.14 -23.61 -3.82
CA PRO A 82 0.63 -24.99 -3.71
C PRO A 82 1.59 -25.36 -4.82
N ASP A 83 1.32 -24.95 -6.07
CA ASP A 83 2.19 -25.30 -7.18
C ASP A 83 3.54 -24.59 -7.12
N GLY A 84 3.76 -23.69 -6.18
CA GLY A 84 5.03 -23.01 -6.07
C GLY A 84 4.84 -21.59 -5.55
N ASN A 85 5.98 -20.92 -5.37
CA ASN A 85 6.00 -19.56 -4.86
C ASN A 85 6.84 -18.70 -5.80
N THR A 86 6.23 -17.67 -6.38
CA THR A 86 6.88 -16.89 -7.41
C THR A 86 6.74 -15.41 -7.10
N ASP A 87 7.87 -14.73 -6.94
CA ASP A 87 7.83 -13.28 -6.76
C ASP A 87 7.46 -12.62 -8.07
N SER A 88 6.74 -11.51 -7.97
CA SER A 88 6.17 -10.85 -9.14
C SER A 88 6.88 -9.54 -9.49
N SER A 89 7.25 -9.40 -10.77
CA SER A 89 7.65 -8.12 -11.34
C SER A 89 6.51 -7.45 -12.11
N ALA A 90 5.30 -7.95 -11.98
CA ALA A 90 4.21 -7.57 -12.86
C ALA A 90 3.61 -6.21 -12.52
N LEU A 91 3.20 -5.51 -13.57
CA LEU A 91 2.31 -4.37 -13.48
C LEU A 91 1.09 -4.67 -14.33
N ASP A 92 -0.08 -4.63 -13.72
CA ASP A 92 -1.33 -4.91 -14.41
C ASP A 92 -2.31 -3.79 -14.14
N CYS A 93 -3.13 -3.49 -15.14
CA CYS A 93 -4.01 -2.33 -15.15
C CYS A 93 -5.46 -2.77 -15.26
N TYR A 94 -6.31 -2.29 -14.34
CA TYR A 94 -7.75 -2.60 -14.35
C TYR A 94 -8.52 -1.36 -14.79
N ASN A 95 -9.38 -1.51 -15.80
CA ASN A 95 -10.22 -0.43 -16.28
C ASN A 95 -11.63 -0.60 -15.74
N PRO A 96 -12.11 0.28 -14.86
CA PRO A 96 -13.48 0.15 -14.37
C PRO A 96 -14.54 0.23 -15.47
N MET A 97 -14.28 0.97 -16.55
CA MET A 97 -15.28 1.08 -17.61
C MET A 97 -15.50 -0.24 -18.33
N THR A 98 -14.49 -1.13 -18.34
CA THR A 98 -14.60 -2.39 -19.05
C THR A 98 -14.60 -3.61 -18.13
N ASN A 99 -14.28 -3.45 -16.85
CA ASN A 99 -14.14 -4.56 -15.91
C ASN A 99 -13.12 -5.59 -16.40
N GLN A 100 -12.02 -5.11 -17.00
CA GLN A 100 -10.99 -5.98 -17.54
C GLN A 100 -9.60 -5.57 -17.08
N TRP A 101 -8.76 -6.59 -16.84
CA TRP A 101 -7.34 -6.41 -16.53
C TRP A 101 -6.53 -6.52 -17.82
N SER A 102 -5.54 -5.65 -17.96
CA SER A 102 -4.58 -5.69 -19.06
C SER A 102 -3.16 -5.69 -18.53
N PRO A 103 -2.28 -6.52 -19.07
CA PRO A 103 -0.87 -6.45 -18.68
C PRO A 103 -0.21 -5.17 -19.17
N CYS A 104 0.69 -4.66 -18.34
CA CYS A 104 1.61 -3.58 -18.72
C CYS A 104 3.04 -4.10 -18.70
N ALA A 105 3.97 -3.20 -19.03
CA ALA A 105 5.38 -3.56 -18.94
C ALA A 105 5.74 -3.96 -17.50
N SER A 106 6.58 -4.99 -17.40
CA SER A 106 7.03 -5.50 -16.11
C SER A 106 8.20 -4.68 -15.58
N MET A 107 8.34 -4.65 -14.26
CA MET A 107 9.46 -3.98 -13.63
C MET A 107 10.78 -4.72 -13.92
N SER A 108 11.87 -4.06 -13.56
CA SER A 108 13.21 -4.63 -13.77
C SER A 108 13.45 -5.88 -12.94
N VAL A 109 12.73 -6.03 -11.83
N VAL A 109 12.79 -6.00 -11.79
CA VAL A 109 13.05 -7.04 -10.82
CA VAL A 109 13.02 -7.09 -10.85
C VAL A 109 11.75 -7.43 -10.10
C VAL A 109 11.70 -7.46 -10.18
N PRO A 110 11.58 -8.68 -9.68
CA PRO A 110 10.43 -9.01 -8.83
C PRO A 110 10.50 -8.25 -7.50
N ARG A 111 9.33 -7.84 -6.99
CA ARG A 111 9.26 -7.06 -5.75
C ARG A 111 8.06 -7.52 -4.93
N ASN A 112 8.28 -8.44 -3.99
CA ASN A 112 7.27 -8.84 -3.02
C ASN A 112 7.34 -7.92 -1.80
N ARG A 113 6.19 -7.64 -1.22
CA ARG A 113 6.09 -6.70 -0.09
C ARG A 113 6.67 -5.34 -0.49
N ILE A 114 6.14 -4.87 -1.61
CA ILE A 114 6.52 -3.63 -2.27
C ILE A 114 5.77 -2.46 -1.65
N GLY A 115 6.33 -1.26 -1.83
CA GLY A 115 5.59 -0.02 -1.59
C GLY A 115 5.54 0.78 -2.88
N VAL A 116 4.45 1.52 -3.05
CA VAL A 116 4.21 2.29 -4.27
C VAL A 116 3.70 3.69 -3.92
N GLY A 117 4.09 4.68 -4.73
CA GLY A 117 3.55 6.02 -4.63
C GLY A 117 3.45 6.63 -6.01
N VAL A 118 2.55 7.61 -6.16
CA VAL A 118 2.33 8.28 -7.44
C VAL A 118 2.73 9.76 -7.32
N ILE A 119 3.59 10.21 -8.24
CA ILE A 119 3.90 11.64 -8.37
C ILE A 119 3.72 12.04 -9.83
N ASP A 120 2.88 13.04 -10.08
N ASP A 120 2.89 13.05 -10.07
CA ASP A 120 2.75 13.65 -11.41
CA ASP A 120 2.71 13.65 -11.40
C ASP A 120 2.42 12.61 -12.48
C ASP A 120 2.45 12.59 -12.46
N GLY A 121 1.50 11.70 -12.15
CA GLY A 121 1.10 10.67 -13.11
C GLY A 121 2.11 9.56 -13.32
N HIS A 122 3.13 9.46 -12.47
CA HIS A 122 4.15 8.42 -12.60
C HIS A 122 4.13 7.53 -11.36
N ILE A 123 4.26 6.23 -11.57
CA ILE A 123 4.23 5.25 -10.48
C ILE A 123 5.65 4.96 -10.04
N TYR A 124 5.94 5.13 -8.75
CA TYR A 124 7.22 4.72 -8.18
C TYR A 124 7.05 3.41 -7.44
N ALA A 125 7.84 2.41 -7.84
CA ALA A 125 7.91 1.12 -7.14
C ALA A 125 9.15 1.12 -6.26
N VAL A 126 8.97 0.81 -4.98
CA VAL A 126 10.00 0.98 -3.97
C VAL A 126 10.27 -0.34 -3.27
N GLY A 127 11.54 -0.78 -3.27
CA GLY A 127 11.93 -1.84 -2.37
C GLY A 127 11.34 -3.20 -2.69
N GLY A 128 11.09 -3.98 -1.64
CA GLY A 128 10.54 -5.32 -1.79
C GLY A 128 11.62 -6.40 -1.86
N SER A 129 11.18 -7.64 -1.81
CA SER A 129 12.09 -8.79 -1.81
C SER A 129 11.97 -9.62 -3.08
N HIS A 130 13.06 -10.33 -3.38
CA HIS A 130 13.10 -11.35 -4.43
C HIS A 130 13.91 -12.50 -3.85
N GLY A 131 13.26 -13.60 -3.49
CA GLY A 131 14.00 -14.64 -2.80
C GLY A 131 14.60 -14.11 -1.51
N CYS A 132 15.88 -14.36 -1.31
N CYS A 132 15.88 -14.37 -1.31
CA CYS A 132 16.52 -14.00 -0.05
CA CYS A 132 16.60 -14.02 -0.09
C CYS A 132 17.11 -12.59 -0.06
C CYS A 132 17.00 -12.55 -0.03
N ILE A 133 16.95 -11.83 -1.13
CA ILE A 133 17.51 -10.49 -1.15
C ILE A 133 16.43 -9.43 -1.01
N HIS A 134 16.84 -8.34 -0.40
CA HIS A 134 15.99 -7.23 0.01
C HIS A 134 16.42 -6.00 -0.79
N HIS A 135 15.53 -5.45 -1.60
CA HIS A 135 15.91 -4.36 -2.51
C HIS A 135 16.00 -3.01 -1.79
N SER A 136 17.01 -2.24 -2.17
CA SER A 136 16.97 -0.79 -2.00
C SER A 136 16.58 -0.07 -3.29
N SER A 137 16.52 -0.78 -4.41
CA SER A 137 16.28 -0.15 -5.69
C SER A 137 14.84 0.39 -5.79
N VAL A 138 14.70 1.40 -6.65
CA VAL A 138 13.46 2.12 -6.90
C VAL A 138 13.35 2.33 -8.41
N GLU A 139 12.15 2.14 -8.96
CA GLU A 139 11.97 2.43 -10.38
C GLU A 139 10.65 3.15 -10.59
N ARG A 140 10.54 3.81 -11.74
CA ARG A 140 9.45 4.74 -12.01
C ARG A 140 8.81 4.36 -13.34
N TYR A 141 7.48 4.26 -13.33
CA TYR A 141 6.70 3.87 -14.50
C TYR A 141 6.02 5.08 -15.11
N GLU A 142 6.10 5.17 -16.44
CA GLU A 142 5.47 6.25 -17.19
C GLU A 142 4.31 5.67 -17.99
N PRO A 143 3.07 5.84 -17.56
CA PRO A 143 1.94 5.22 -18.28
C PRO A 143 1.83 5.65 -19.73
N GLU A 144 2.24 6.88 -20.04
CA GLU A 144 2.17 7.36 -21.41
C GLU A 144 3.05 6.54 -22.35
N ARG A 145 4.19 6.06 -21.87
CA ARG A 145 5.13 5.32 -22.71
C ARG A 145 5.19 3.83 -22.40
N ASP A 146 4.52 3.38 -21.33
CA ASP A 146 4.56 1.98 -20.89
C ASP A 146 5.99 1.51 -20.70
N GLU A 147 6.77 2.30 -19.95
CA GLU A 147 8.16 2.02 -19.68
C GLU A 147 8.47 2.24 -18.20
N TRP A 148 9.29 1.35 -17.66
CA TRP A 148 9.92 1.51 -16.35
C TRP A 148 11.36 1.98 -16.52
N HIS A 149 11.81 2.83 -15.60
CA HIS A 149 13.22 3.19 -15.53
C HIS A 149 13.66 3.28 -14.08
N LEU A 150 14.84 2.75 -13.78
CA LEU A 150 15.38 2.85 -12.43
C LEU A 150 15.73 4.30 -12.10
N VAL A 151 15.50 4.69 -10.85
CA VAL A 151 15.97 5.98 -10.32
C VAL A 151 16.95 5.72 -9.19
N ALA A 152 17.29 6.74 -8.42
CA ALA A 152 18.26 6.53 -7.35
C ALA A 152 17.71 5.54 -6.33
N PRO A 153 18.53 4.63 -5.82
CA PRO A 153 18.04 3.71 -4.79
C PRO A 153 17.97 4.39 -3.43
N MET A 154 17.13 3.80 -2.57
CA MET A 154 17.05 4.27 -1.20
C MET A 154 18.38 4.09 -0.50
N LEU A 155 18.53 4.81 0.62
CA LEU A 155 19.68 4.64 1.50
C LEU A 155 19.63 3.32 2.26
N THR A 156 18.48 2.64 2.25
CA THR A 156 18.24 1.48 3.07
C THR A 156 17.52 0.43 2.23
N ARG A 157 17.92 -0.84 2.37
CA ARG A 157 17.10 -1.92 1.84
C ARG A 157 15.83 -2.05 2.67
N ARG A 158 14.67 -2.09 2.00
CA ARG A 158 13.39 -2.11 2.72
C ARG A 158 12.41 -3.03 2.01
N ILE A 159 11.91 -4.03 2.73
CA ILE A 159 10.72 -4.77 2.30
C ILE A 159 9.65 -4.58 3.37
N GLY A 160 8.39 -4.74 2.98
CA GLY A 160 7.31 -4.39 3.90
C GLY A 160 7.27 -2.92 4.17
N VAL A 161 7.63 -2.13 3.18
CA VAL A 161 7.83 -0.69 3.31
C VAL A 161 6.53 0.03 2.99
N GLY A 162 6.20 1.04 3.79
CA GLY A 162 5.07 1.91 3.47
C GLY A 162 5.54 3.13 2.67
N VAL A 163 4.71 3.53 1.71
CA VAL A 163 5.06 4.64 0.83
C VAL A 163 3.91 5.62 0.76
N ALA A 164 4.25 6.91 0.75
CA ALA A 164 3.22 7.91 0.52
C ALA A 164 3.87 9.15 -0.09
N VAL A 165 3.03 10.00 -0.67
CA VAL A 165 3.47 11.18 -1.41
C VAL A 165 2.81 12.40 -0.80
N LEU A 166 3.60 13.45 -0.58
CA LEU A 166 3.09 14.70 -0.01
C LEU A 166 3.91 15.82 -0.62
N ASN A 167 3.22 16.81 -1.18
CA ASN A 167 3.88 17.99 -1.76
C ASN A 167 4.92 17.58 -2.81
N ARG A 168 4.55 16.61 -3.65
CA ARG A 168 5.36 16.11 -4.75
C ARG A 168 6.71 15.58 -4.27
N LEU A 169 6.76 15.04 -3.04
CA LEU A 169 7.90 14.32 -2.52
C LEU A 169 7.45 12.92 -2.11
N LEU A 170 8.32 11.94 -2.31
CA LEU A 170 8.04 10.52 -2.04
C LEU A 170 8.69 10.07 -0.75
N TYR A 171 7.93 9.40 0.12
CA TYR A 171 8.43 8.95 1.41
C TYR A 171 8.40 7.43 1.52
N ALA A 172 9.49 6.87 2.04
CA ALA A 172 9.59 5.43 2.33
C ALA A 172 9.75 5.25 3.83
N VAL A 173 8.87 4.47 4.44
CA VAL A 173 8.70 4.45 5.89
C VAL A 173 8.77 3.02 6.42
N GLY A 174 9.72 2.78 7.33
CA GLY A 174 9.79 1.50 8.01
C GLY A 174 10.21 0.37 7.09
N GLY A 175 9.74 -0.83 7.45
CA GLY A 175 10.06 -2.03 6.72
C GLY A 175 11.03 -2.94 7.44
N PHE A 176 11.68 -3.79 6.66
CA PHE A 176 12.59 -4.83 7.15
C PHE A 176 13.73 -4.93 6.15
N ASP A 177 14.98 -4.89 6.63
CA ASP A 177 16.14 -4.84 5.74
C ASP A 177 16.82 -6.18 5.58
N GLY A 178 16.22 -7.26 6.10
CA GLY A 178 16.84 -8.55 6.07
C GLY A 178 17.38 -9.01 7.41
N THR A 179 17.62 -8.08 8.33
CA THR A 179 18.08 -8.43 9.68
C THR A 179 17.20 -7.79 10.73
N ASN A 180 16.94 -6.49 10.60
CA ASN A 180 16.19 -5.74 11.60
C ASN A 180 14.95 -5.11 10.98
N ARG A 181 13.86 -5.11 11.73
CA ARG A 181 12.74 -4.24 11.40
C ARG A 181 13.13 -2.80 11.73
N LEU A 182 12.54 -1.85 10.99
CA LEU A 182 13.03 -0.48 10.92
C LEU A 182 12.02 0.51 11.45
N ASN A 183 12.52 1.49 12.21
CA ASN A 183 11.74 2.69 12.50
C ASN A 183 12.14 3.87 11.62
N SER A 184 13.16 3.70 10.77
CA SER A 184 13.68 4.79 9.97
C SER A 184 12.77 5.10 8.78
N ALA A 185 12.96 6.30 8.23
CA ALA A 185 12.16 6.75 7.10
C ALA A 185 13.02 7.69 6.26
N GLU A 186 12.70 7.80 4.98
CA GLU A 186 13.49 8.63 4.09
C GLU A 186 12.59 9.24 3.01
N CYS A 187 13.10 10.30 2.38
CA CYS A 187 12.34 11.14 1.47
C CYS A 187 13.12 11.31 0.18
N TYR A 188 12.41 11.21 -0.95
CA TYR A 188 12.98 11.31 -2.28
C TYR A 188 12.57 12.63 -2.92
N TYR A 189 13.57 13.36 -3.44
N TYR A 189 13.58 13.41 -3.36
CA TYR A 189 13.37 14.67 -4.04
CA TYR A 189 13.40 14.66 -4.06
C TYR A 189 13.59 14.56 -5.55
C TYR A 189 13.58 14.42 -5.54
N PRO A 190 12.51 14.43 -6.35
CA PRO A 190 12.69 14.04 -7.76
C PRO A 190 13.62 14.93 -8.56
N GLU A 191 13.60 16.24 -8.32
CA GLU A 191 14.40 17.11 -9.18
C GLU A 191 15.90 16.98 -8.90
N ARG A 192 16.29 16.34 -7.80
CA ARG A 192 17.69 16.04 -7.55
C ARG A 192 17.99 14.55 -7.59
N ASN A 193 16.98 13.71 -7.84
CA ASN A 193 17.14 12.27 -7.85
C ASN A 193 17.94 11.80 -6.62
N GLU A 194 17.46 12.20 -5.44
CA GLU A 194 18.23 12.06 -4.21
C GLU A 194 17.31 11.67 -3.07
N TRP A 195 17.74 10.72 -2.25
CA TRP A 195 17.07 10.34 -1.01
C TRP A 195 17.76 10.97 0.19
N ARG A 196 16.96 11.37 1.17
CA ARG A 196 17.46 11.90 2.44
C ARG A 196 16.70 11.27 3.60
N MET A 197 17.42 10.90 4.64
CA MET A 197 16.81 10.43 5.88
C MET A 197 15.90 11.51 6.46
N ILE A 198 14.77 11.10 7.04
CA ILE A 198 13.99 12.02 7.86
C ILE A 198 13.99 11.53 9.29
N THR A 199 13.31 12.27 10.18
CA THR A 199 13.15 11.83 11.55
C THR A 199 12.58 10.42 11.58
N PRO A 200 13.16 9.51 12.36
CA PRO A 200 12.59 8.16 12.46
C PRO A 200 11.32 8.16 13.29
N MET A 201 10.47 7.17 13.01
CA MET A 201 9.27 6.95 13.81
C MET A 201 9.66 6.63 15.25
N ASN A 202 8.66 6.73 16.13
CA ASN A 202 8.85 6.32 17.50
C ASN A 202 8.70 4.82 17.69
N THR A 203 8.19 4.10 16.68
CA THR A 203 7.98 2.67 16.76
C THR A 203 8.60 2.01 15.53
N ILE A 204 9.25 0.86 15.76
CA ILE A 204 9.70 0.01 14.67
C ILE A 204 8.48 -0.62 13.99
N ARG A 205 8.40 -0.50 12.66
CA ARG A 205 7.23 -1.00 11.95
C ARG A 205 7.59 -1.57 10.58
N SER A 206 7.29 -2.85 10.39
N SER A 206 7.30 -2.85 10.37
CA SER A 206 7.28 -3.44 9.06
CA SER A 206 7.30 -3.46 9.05
C SER A 206 5.86 -3.87 8.73
C SER A 206 5.87 -3.88 8.73
N GLY A 207 5.47 -3.71 7.47
CA GLY A 207 4.12 -4.06 7.08
C GLY A 207 3.06 -3.15 7.64
N ALA A 208 3.40 -1.89 7.89
CA ALA A 208 2.41 -0.92 8.32
C ALA A 208 1.62 -0.42 7.12
N GLY A 209 0.47 0.21 7.38
CA GLY A 209 -0.22 0.97 6.37
C GLY A 209 0.22 2.42 6.44
N VAL A 210 0.69 2.94 5.31
CA VAL A 210 1.22 4.31 5.23
C VAL A 210 0.44 5.07 4.17
N CYS A 211 -0.05 6.26 4.54
CA CYS A 211 -0.82 7.11 3.66
C CYS A 211 -0.60 8.56 4.07
N VAL A 212 -1.23 9.46 3.32
N VAL A 212 -1.21 9.47 3.31
CA VAL A 212 -1.13 10.90 3.59
CA VAL A 212 -1.14 10.89 3.60
C VAL A 212 -2.53 11.47 3.78
C VAL A 212 -2.54 11.43 3.81
N LEU A 213 -2.68 12.30 4.81
CA LEU A 213 -3.92 13.01 5.06
C LEU A 213 -3.58 14.42 5.52
N HIS A 214 -4.04 15.41 4.76
CA HIS A 214 -3.70 16.82 4.97
C HIS A 214 -2.19 16.97 4.86
N ASN A 215 -1.50 17.49 5.88
CA ASN A 215 -0.06 17.74 5.79
C ASN A 215 0.76 16.68 6.52
N CYS A 216 0.20 15.49 6.74
CA CYS A 216 0.87 14.49 7.56
C CYS A 216 0.95 13.14 6.85
N ILE A 217 2.03 12.43 7.11
CA ILE A 217 2.18 11.03 6.71
C ILE A 217 1.81 10.15 7.90
N TYR A 218 0.84 9.26 7.71
CA TYR A 218 0.39 8.36 8.77
C TYR A 218 1.03 7.00 8.59
N ALA A 219 1.41 6.38 9.72
CA ALA A 219 1.87 4.99 9.74
C ALA A 219 1.04 4.24 10.76
N ALA A 220 0.19 3.33 10.29
CA ALA A 220 -0.75 2.59 11.13
C ALA A 220 -0.37 1.13 11.22
N GLY A 221 -0.32 0.60 12.44
CA GLY A 221 -0.13 -0.84 12.55
C GLY A 221 1.28 -1.28 12.20
N GLY A 222 1.38 -2.54 11.77
CA GLY A 222 2.65 -3.13 11.40
C GLY A 222 3.09 -4.18 12.41
N TYR A 223 4.34 -4.62 12.25
CA TYR A 223 4.95 -5.64 13.09
C TYR A 223 6.28 -5.09 13.57
N ASP A 224 6.54 -5.20 14.88
CA ASP A 224 7.72 -4.58 15.48
C ASP A 224 8.82 -5.57 15.80
N GLY A 225 8.73 -6.80 15.30
CA GLY A 225 9.67 -7.85 15.61
C GLY A 225 9.17 -8.84 16.65
N GLN A 226 8.09 -8.52 17.36
CA GLN A 226 7.53 -9.41 18.36
C GLN A 226 6.01 -9.43 18.30
N ASP A 227 5.40 -8.26 18.11
CA ASP A 227 3.96 -8.07 18.22
C ASP A 227 3.42 -7.33 17.01
N GLN A 228 2.21 -7.70 16.59
CA GLN A 228 1.44 -6.85 15.69
C GLN A 228 0.92 -5.63 16.45
N LEU A 229 0.91 -4.48 15.78
CA LEU A 229 0.67 -3.19 16.41
C LEU A 229 -0.73 -2.67 16.11
N ASN A 230 -1.35 -2.01 17.08
CA ASN A 230 -2.53 -1.18 16.83
C ASN A 230 -2.22 0.32 16.88
N SER A 231 -1.00 0.71 17.24
CA SER A 231 -0.70 2.13 17.36
C SER A 231 -0.58 2.78 15.99
N VAL A 232 -0.82 4.08 15.99
CA VAL A 232 -0.80 4.90 14.78
C VAL A 232 -0.05 6.19 15.07
N GLU A 233 0.92 6.56 14.23
CA GLU A 233 1.60 7.82 14.43
C GLU A 233 1.65 8.57 13.11
N ARG A 234 1.81 9.90 13.20
CA ARG A 234 1.83 10.72 12.01
C ARG A 234 2.98 11.71 12.05
N TYR A 235 3.55 11.96 10.87
CA TYR A 235 4.70 12.83 10.69
C TYR A 235 4.22 14.14 10.10
N ASP A 236 4.41 15.24 10.85
CA ASP A 236 4.11 16.59 10.37
C ASP A 236 5.34 17.08 9.62
N VAL A 237 5.20 17.29 8.31
N VAL A 237 5.22 17.28 8.31
CA VAL A 237 6.37 17.66 7.51
CA VAL A 237 6.37 17.67 7.51
C VAL A 237 6.85 19.07 7.84
C VAL A 237 6.89 19.03 7.96
N GLU A 238 6.01 19.89 8.46
CA GLU A 238 6.43 21.23 8.87
C GLU A 238 7.27 21.21 10.14
N THR A 239 6.90 20.36 11.10
CA THR A 239 7.60 20.27 12.38
C THR A 239 8.65 19.17 12.42
N GLU A 240 8.62 18.24 11.46
CA GLU A 240 9.57 17.14 11.38
C GLU A 240 9.51 16.24 12.62
N THR A 241 8.34 16.13 13.24
CA THR A 241 8.16 15.25 14.39
C THR A 241 7.02 14.27 14.14
N TRP A 242 7.12 13.13 14.79
CA TRP A 242 6.10 12.08 14.78
C TRP A 242 5.30 12.15 16.09
N THR A 243 3.99 12.03 15.97
CA THR A 243 3.09 12.09 17.12
C THR A 243 2.12 10.92 17.03
N PHE A 244 1.87 10.24 18.16
CA PHE A 244 0.83 9.22 18.18
C PHE A 244 -0.56 9.83 18.14
N VAL A 245 -1.47 9.18 17.40
CA VAL A 245 -2.90 9.51 17.44
C VAL A 245 -3.61 8.31 18.04
N ALA A 246 -4.95 8.26 17.93
CA ALA A 246 -5.69 7.16 18.54
C ALA A 246 -5.27 5.83 17.90
N PRO A 247 -5.10 4.78 18.68
CA PRO A 247 -4.81 3.45 18.11
C PRO A 247 -6.05 2.86 17.45
N MET A 248 -5.79 1.97 16.50
CA MET A 248 -6.88 1.23 15.89
C MET A 248 -7.50 0.27 16.92
N ARG A 249 -8.72 -0.16 16.62
CA ARG A 249 -9.37 -1.14 17.47
C ARG A 249 -8.71 -2.51 17.38
N HIS A 250 -8.13 -2.86 16.22
CA HIS A 250 -7.44 -4.12 16.03
C HIS A 250 -5.95 -3.90 15.82
N HIS A 251 -5.12 -4.70 16.48
CA HIS A 251 -3.74 -4.85 16.04
C HIS A 251 -3.73 -5.48 14.67
N ARG A 252 -2.86 -4.99 13.78
CA ARG A 252 -2.81 -5.59 12.46
C ARG A 252 -1.49 -5.27 11.77
N SER A 253 -0.94 -6.26 11.09
N SER A 253 -0.96 -6.27 11.08
CA SER A 253 0.15 -6.05 10.15
CA SER A 253 0.17 -6.11 10.17
C SER A 253 -0.28 -6.53 8.79
C SER A 253 -0.28 -6.55 8.78
N ALA A 254 0.45 -6.08 7.76
CA ALA A 254 0.11 -6.35 6.36
C ALA A 254 -1.34 -5.95 6.05
N LEU A 255 -1.71 -4.77 6.54
CA LEU A 255 -3.00 -4.18 6.27
C LEU A 255 -2.96 -3.39 4.96
N GLY A 256 -4.13 -3.25 4.35
CA GLY A 256 -4.29 -2.30 3.27
C GLY A 256 -4.78 -0.98 3.85
N ILE A 257 -4.45 0.13 3.16
CA ILE A 257 -4.79 1.45 3.66
C ILE A 257 -5.10 2.36 2.48
N THR A 258 -6.06 3.27 2.68
CA THR A 258 -6.29 4.32 1.69
C THR A 258 -7.02 5.46 2.36
N VAL A 259 -7.15 6.56 1.62
CA VAL A 259 -7.90 7.73 2.06
C VAL A 259 -9.08 7.88 1.11
N HIS A 260 -10.24 8.17 1.68
CA HIS A 260 -11.49 8.35 0.93
C HIS A 260 -12.26 9.47 1.62
N GLN A 261 -12.46 10.58 0.90
CA GLN A 261 -13.21 11.75 1.35
C GLN A 261 -12.78 12.19 2.76
N GLY A 262 -11.47 12.37 2.94
CA GLY A 262 -10.94 12.96 4.15
C GLY A 262 -10.79 12.03 5.33
N LYS A 263 -11.05 10.73 5.16
CA LYS A 263 -10.90 9.75 6.23
C LYS A 263 -9.96 8.65 5.76
N ILE A 264 -9.29 8.01 6.73
CA ILE A 264 -8.40 6.88 6.48
C ILE A 264 -9.17 5.58 6.68
N TYR A 265 -9.06 4.66 5.72
CA TYR A 265 -9.63 3.33 5.82
C TYR A 265 -8.51 2.30 5.88
N VAL A 266 -8.60 1.38 6.84
CA VAL A 266 -7.66 0.25 6.91
C VAL A 266 -8.43 -1.04 6.68
N LEU A 267 -7.84 -1.94 5.90
CA LEU A 267 -8.51 -3.16 5.44
C LEU A 267 -7.71 -4.39 5.80
N GLY A 268 -8.31 -5.28 6.58
CA GLY A 268 -7.73 -6.59 6.82
C GLY A 268 -6.40 -6.53 7.54
N GLY A 269 -5.58 -7.53 7.24
CA GLY A 269 -4.32 -7.72 7.93
C GLY A 269 -4.34 -8.97 8.79
N TYR A 270 -3.27 -9.15 9.53
CA TYR A 270 -3.09 -10.29 10.43
C TYR A 270 -2.82 -9.75 11.84
N ASP A 271 -3.53 -10.29 12.85
CA ASP A 271 -3.44 -9.77 14.21
C ASP A 271 -2.71 -10.73 15.16
N GLY A 272 -1.98 -11.71 14.61
CA GLY A 272 -1.34 -12.74 15.40
C GLY A 272 -2.18 -13.96 15.67
N HIS A 273 -3.46 -13.96 15.24
CA HIS A 273 -4.40 -15.02 15.56
C HIS A 273 -5.30 -15.31 14.37
N THR A 274 -5.80 -14.23 13.75
CA THR A 274 -6.78 -14.29 12.68
C THR A 274 -6.29 -13.46 11.50
N PHE A 275 -6.62 -13.89 10.30
CA PHE A 275 -6.62 -13.02 9.14
C PHE A 275 -7.93 -12.22 9.15
N LEU A 276 -7.79 -10.90 9.27
CA LEU A 276 -8.93 -10.04 9.59
C LEU A 276 -9.77 -9.72 8.38
N ASP A 277 -11.10 -9.68 8.58
CA ASP A 277 -12.00 -9.05 7.62
C ASP A 277 -12.38 -7.64 8.03
N SER A 278 -11.93 -7.18 9.19
CA SER A 278 -12.35 -5.88 9.70
C SER A 278 -11.82 -4.74 8.84
N VAL A 279 -12.70 -3.79 8.56
CA VAL A 279 -12.35 -2.52 7.92
C VAL A 279 -12.66 -1.43 8.95
N GLU A 280 -11.65 -0.62 9.27
CA GLU A 280 -11.78 0.47 10.22
C GLU A 280 -11.60 1.80 9.51
N CYS A 281 -12.24 2.83 10.04
CA CYS A 281 -12.20 4.16 9.48
C CYS A 281 -11.78 5.17 10.54
N TYR A 282 -10.79 6.00 10.22
CA TYR A 282 -10.29 7.03 11.12
C TYR A 282 -10.82 8.39 10.70
N ASP A 283 -11.47 9.08 11.64
CA ASP A 283 -11.96 10.43 11.47
C ASP A 283 -10.96 11.38 12.13
N PRO A 284 -10.20 12.17 11.37
CA PRO A 284 -9.21 13.04 12.01
C PRO A 284 -9.83 14.16 12.82
N ASP A 285 -11.08 14.52 12.54
CA ASP A 285 -11.72 15.61 13.29
C ASP A 285 -11.96 15.20 14.73
N SER A 286 -12.36 13.95 14.97
CA SER A 286 -12.64 13.47 16.32
C SER A 286 -11.55 12.58 16.88
N ASP A 287 -10.51 12.26 16.08
CA ASP A 287 -9.44 11.36 16.51
C ASP A 287 -10.02 10.04 17.02
N THR A 288 -10.91 9.45 16.24
CA THR A 288 -11.52 8.17 16.61
C THR A 288 -11.53 7.23 15.41
N TRP A 289 -11.43 5.95 15.72
CA TRP A 289 -11.58 4.86 14.77
C TRP A 289 -12.93 4.19 14.98
N SER A 290 -13.56 3.79 13.88
N SER A 290 -13.58 3.81 13.89
CA SER A 290 -14.82 3.05 13.93
CA SER A 290 -14.79 3.01 13.99
C SER A 290 -14.79 1.92 12.91
C SER A 290 -14.76 1.91 12.94
N GLU A 291 -15.48 0.82 13.24
CA GLU A 291 -15.69 -0.25 12.27
C GLU A 291 -16.76 0.17 11.28
N VAL A 292 -16.50 0.03 9.98
CA VAL A 292 -17.46 0.49 8.99
C VAL A 292 -18.00 -0.63 8.11
N THR A 293 -17.30 -1.75 8.00
CA THR A 293 -17.76 -2.85 7.17
C THR A 293 -16.82 -4.01 7.40
N ARG A 294 -17.21 -5.17 6.89
CA ARG A 294 -16.33 -6.32 6.87
C ARG A 294 -16.07 -6.70 5.42
N MET A 295 -14.82 -7.01 5.11
CA MET A 295 -14.57 -7.64 3.82
C MET A 295 -15.30 -8.97 3.75
N THR A 296 -15.48 -9.46 2.53
CA THR A 296 -16.22 -10.71 2.34
C THR A 296 -15.49 -11.91 2.93
N SER A 297 -14.18 -11.81 3.15
CA SER A 297 -13.41 -12.85 3.84
C SER A 297 -12.13 -12.24 4.36
N GLY A 298 -11.61 -12.79 5.45
CA GLY A 298 -10.39 -12.27 6.05
C GLY A 298 -9.18 -12.52 5.16
N ARG A 299 -8.27 -11.55 5.13
CA ARG A 299 -7.07 -11.64 4.30
C ARG A 299 -6.05 -10.59 4.74
N SER A 300 -4.79 -10.84 4.38
CA SER A 300 -3.73 -9.86 4.57
C SER A 300 -3.02 -9.60 3.24
N GLY A 301 -2.13 -8.61 3.25
CA GLY A 301 -1.28 -8.33 2.09
C GLY A 301 -1.99 -7.88 0.82
N VAL A 302 -3.07 -7.11 0.97
CA VAL A 302 -3.83 -6.63 -0.17
C VAL A 302 -3.22 -5.35 -0.71
N GLY A 303 -3.59 -5.02 -1.94
CA GLY A 303 -3.34 -3.69 -2.51
C GLY A 303 -4.67 -2.94 -2.56
N VAL A 304 -4.62 -1.63 -2.26
CA VAL A 304 -5.84 -0.83 -2.10
C VAL A 304 -5.66 0.49 -2.83
N ALA A 305 -6.70 0.94 -3.53
CA ALA A 305 -6.73 2.29 -4.09
C ALA A 305 -8.19 2.67 -4.34
N VAL A 306 -8.38 3.94 -4.73
CA VAL A 306 -9.70 4.53 -4.90
C VAL A 306 -9.85 5.03 -6.33
N THR A 307 -10.95 4.65 -6.98
CA THR A 307 -11.29 5.21 -8.29
C THR A 307 -12.79 5.04 -8.52
N MET A 308 -13.24 5.36 -9.74
CA MET A 308 -14.66 5.41 -10.09
C MET A 308 -15.35 4.04 -9.97
N GLU A 309 -16.67 4.09 -9.81
CA GLU A 309 -17.49 2.88 -9.86
C GLU A 309 -17.35 2.20 -11.22
N PRO A 310 -17.38 0.87 -11.26
CA PRO A 310 -17.19 0.15 -12.52
C PRO A 310 -18.50 0.02 -13.31
N CYS A 311 -18.35 -0.50 -14.52
CA CYS A 311 -19.50 -0.97 -15.30
C CYS A 311 -19.51 -2.50 -15.35
C1 EOU B . -4.30 11.44 -15.56
C1 EOU B . -1.86 11.67 -15.21
C2 EOU B . -4.44 10.52 -11.38
C2 EOU B . -4.54 10.68 -11.26
C EOU B . -6.33 9.18 -8.43
C EOU B . -8.01 9.30 -11.14
O EOU B . -6.50 9.37 -11.31
O EOU B . -5.77 9.87 -9.43
O1 EOU B . -2.39 12.04 -12.61
O1 EOU B . -2.47 12.07 -12.51
C5 EOU B . -3.29 11.54 -13.27
C5 EOU B . -3.29 11.49 -13.20
O3 EOU B . -3.15 11.49 -14.72
O3 EOU B . -3.15 11.54 -14.65
C3 EOU B . -4.50 11.00 -12.62
C3 EOU B . -4.41 10.74 -12.59
C4 EOU B . -5.64 9.99 -10.70
C4 EOU B . -5.66 9.93 -10.64
O2 EOU B . -5.81 10.20 -9.27
O2 EOU B . -6.63 9.26 -11.48
C1 EOU C . 0.37 -16.11 9.75
C2 EOU C . 1.73 -13.92 5.72
C EOU C . 1.71 -13.55 1.89
O EOU C . 2.21 -15.36 3.93
O1 EOU C . 1.83 -13.70 8.52
C5 EOU C . 1.07 -14.49 7.98
O3 EOU C . 0.03 -15.13 8.78
C3 EOU C . 1.22 -14.81 6.55
C4 EOU C . 1.88 -14.25 4.29
O2 EOU C . 1.63 -13.22 3.28
C ACT D . 5.34 -13.77 1.68
O ACT D . 5.90 -12.67 1.50
OXT ACT D . 4.81 -14.54 0.84
CH3 ACT D . 5.28 -14.24 3.17
C1 EOU E . 1.96 -10.88 11.21
C2 EOU E . 6.43 -12.10 11.23
C EOU E . 9.43 -13.83 11.12
O EOU E . 6.58 -14.11 12.43
O1 EOU E . 4.84 -10.31 9.82
C5 EOU E . 4.44 -10.75 10.88
O3 EOU E . 3.21 -10.22 11.46
C3 EOU E . 5.18 -11.82 11.58
C4 EOU E . 7.17 -13.16 11.93
O2 EOU E . 8.62 -13.10 12.04
C1 PG5 F . -3.13 5.62 0.60
O1 PG5 F . -2.48 4.40 0.37
C2 PG5 F . -1.08 4.42 0.47
C3 PG5 F . -0.48 5.78 0.15
O2 PG5 F . 0.53 5.69 -0.82
C4 PG5 F . 0.29 4.72 -1.78
C5 PG5 F . 0.51 5.26 -3.19
O3 PG5 F . -0.63 5.27 -3.99
C6 PG5 F . -1.48 4.19 -3.77
C7 PG5 F . -2.83 4.68 -3.29
O4 PG5 F . -3.50 3.60 -2.72
C8 PG5 F . -4.60 4.02 -1.98
S SO4 G . 18.99 -4.42 -5.07
O1 SO4 G . 20.41 -4.35 -4.72
O2 SO4 G . 18.36 -5.57 -4.43
O3 SO4 G . 18.30 -3.21 -4.59
O4 SO4 G . 18.82 -4.51 -6.51
S SO4 H . 19.58 22.86 -0.36
O1 SO4 H . 19.86 21.43 -0.12
O2 SO4 H . 20.84 23.60 -0.46
O3 SO4 H . 18.79 23.41 0.74
O4 SO4 H . 18.84 22.98 -1.61
#